data_8VYA
#
_entry.id   8VYA
#
_cell.length_a   51.375
_cell.length_b   56.686
_cell.length_c   84.347
_cell.angle_alpha   90.000
_cell.angle_beta   90.000
_cell.angle_gamma   90.000
#
_symmetry.space_group_name_H-M   'P 21 21 2'
#
loop_
_entity.id
_entity.type
_entity.pdbx_description
1 polymer 'SARS-CoV-2 Omicron variant spike glycoprotein N-terminal heptad repeat domain (Q954H)'
2 polymer 'SARS-CoV-2 Omicron variant spike glycoprotein C-terminal heptad repeat domain'
3 water water
#
loop_
_entity_poly.entity_id
_entity_poly.type
_entity_poly.pdbx_seq_one_letter_code
_entity_poly.pdbx_strand_id
1 'polypeptide(L)' (ACE)TQNVLYENQKLIANQFNSAIGKIQDSLSSTASALGKLQDVVNHNAQALNTLVKQL(NH2) A,B,C
2 'polypeptide(L)' (ACE)DISGINASVVNIQKEIDRLNEVAKNLNESLIDLQEL(NH2) D,E,F
#
loop_
_chem_comp.id
_chem_comp.type
_chem_comp.name
_chem_comp.formula
ACE non-polymer 'ACETYL GROUP' 'C2 H4 O'
NH2 non-polymer 'AMINO GROUP' 'H2 N'
#
# COMPACT_ATOMS: atom_id res chain seq x y z
C ACE A 1 1.11 31.78 -26.16
O ACE A 1 0.50 31.10 -25.34
CH3 ACE A 1 0.88 33.26 -26.31
H1 ACE A 1 1.50 33.79 -25.58
H2 ACE A 1 1.09 33.59 -27.32
H3 ACE A 1 -0.15 33.49 -26.04
N THR A 2 2.02 31.25 -26.98
CA THR A 2 2.34 29.82 -26.94
C THR A 2 3.01 29.46 -25.62
N GLN A 3 3.90 30.36 -25.15
CA GLN A 3 4.56 30.11 -23.87
C GLN A 3 3.56 30.08 -22.72
N ASN A 4 2.51 30.91 -22.80
CA ASN A 4 1.46 30.85 -21.79
C ASN A 4 0.73 29.51 -21.84
N VAL A 5 0.49 28.99 -23.05
CA VAL A 5 -0.16 27.68 -23.17
C VAL A 5 0.71 26.60 -22.56
N LEU A 6 2.03 26.65 -22.81
CA LEU A 6 2.92 25.66 -22.23
C LEU A 6 2.95 25.77 -20.71
N TYR A 7 2.99 27.00 -20.18
CA TYR A 7 2.98 27.16 -18.73
C TYR A 7 1.68 26.66 -18.12
N GLU A 8 0.55 26.86 -18.82
CA GLU A 8 -0.72 26.37 -18.32
C GLU A 8 -0.77 24.84 -18.34
N ASN A 9 -0.20 24.22 -19.38
CA ASN A 9 -0.10 22.77 -19.40
C ASN A 9 0.77 22.27 -18.25
N GLN A 10 1.86 22.98 -17.96
CA GLN A 10 2.69 22.62 -16.82
C GLN A 10 1.89 22.68 -15.52
N LYS A 11 1.08 23.73 -15.36
CA LYS A 11 0.27 23.86 -14.15
C LYS A 11 -0.76 22.74 -14.07
N LEU A 12 -1.36 22.37 -15.21
CA LEU A 12 -2.28 21.23 -15.22
C LEU A 12 -1.58 19.96 -14.74
N ILE A 13 -0.42 19.66 -15.32
CA ILE A 13 0.30 18.44 -14.95
C ILE A 13 0.65 18.46 -13.47
N ALA A 14 1.11 19.61 -12.97
CA ALA A 14 1.51 19.70 -11.57
C ALA A 14 0.31 19.54 -10.64
N ASN A 15 -0.82 20.15 -10.98
CA ASN A 15 -2.02 20.01 -10.15
C ASN A 15 -2.47 18.55 -10.09
N GLN A 16 -2.54 17.90 -11.25
CA GLN A 16 -2.95 16.50 -11.27
C GLN A 16 -1.98 15.62 -10.48
N PHE A 17 -0.67 15.87 -10.64
CA PHE A 17 0.32 15.08 -9.93
C PHE A 17 0.19 15.27 -8.42
N ASN A 18 0.01 16.52 -7.97
CA ASN A 18 -0.10 16.77 -6.54
C ASN A 18 -1.35 16.12 -5.96
N SER A 19 -2.47 16.16 -6.68
CA SER A 19 -3.67 15.49 -6.19
C SER A 19 -3.45 13.99 -6.09
N ALA A 20 -2.81 13.39 -7.11
CA ALA A 20 -2.49 11.98 -7.05
C ALA A 20 -1.62 11.65 -5.85
N ILE A 21 -0.64 12.51 -5.56
CA ILE A 21 0.26 12.27 -4.43
C ILE A 21 -0.52 12.31 -3.12
N GLY A 22 -1.46 13.25 -3.00
CA GLY A 22 -2.28 13.29 -1.81
C GLY A 22 -3.07 12.00 -1.62
N LYS A 23 -3.69 11.51 -2.68
CA LYS A 23 -4.43 10.26 -2.58
C LYS A 23 -3.52 9.10 -2.20
N ILE A 24 -2.32 9.06 -2.78
CA ILE A 24 -1.39 7.96 -2.48
C ILE A 24 -0.94 8.03 -1.02
N GLN A 25 -0.71 9.24 -0.51
CA GLN A 25 -0.35 9.38 0.90
C GLN A 25 -1.47 8.86 1.80
N ASP A 26 -2.71 9.20 1.46
CA ASP A 26 -3.84 8.66 2.24
C ASP A 26 -3.82 7.13 2.21
N SER A 27 -3.56 6.54 1.05
CA SER A 27 -3.55 5.08 0.94
C SER A 27 -2.43 4.48 1.79
N LEU A 28 -1.26 5.13 1.80
CA LEU A 28 -0.16 4.66 2.64
C LEU A 28 -0.55 4.69 4.11
N SER A 29 -1.14 5.78 4.57
CA SER A 29 -1.50 5.88 5.98
C SER A 29 -2.56 4.85 6.34
N SER A 30 -3.53 4.61 5.44
CA SER A 30 -4.54 3.61 5.71
C SER A 30 -3.94 2.21 5.80
N THR A 31 -3.02 1.89 4.87
CA THR A 31 -2.37 0.59 4.91
C THR A 31 -1.58 0.42 6.21
N ALA A 32 -0.87 1.45 6.64
CA ALA A 32 -0.13 1.38 7.90
C ALA A 32 -1.09 1.13 9.07
N SER A 33 -2.20 1.87 9.11
CA SER A 33 -3.18 1.67 10.19
C SER A 33 -3.70 0.25 10.20
N ALA A 34 -4.05 -0.29 9.03
CA ALA A 34 -4.61 -1.64 8.97
C ALA A 34 -3.58 -2.67 9.41
N LEU A 35 -2.35 -2.55 8.93
CA LEU A 35 -1.30 -3.47 9.34
C LEU A 35 -1.08 -3.42 10.85
N GLY A 36 -1.11 -2.23 11.44
CA GLY A 36 -0.95 -2.12 12.88
C GLY A 36 -2.06 -2.82 13.64
N LYS A 37 -3.31 -2.61 13.21
CA LYS A 37 -4.42 -3.27 13.88
C LYS A 37 -4.31 -4.80 13.75
N LEU A 38 -3.96 -5.28 12.56
CA LEU A 38 -3.81 -6.71 12.36
C LEU A 38 -2.70 -7.28 13.25
N GLN A 39 -1.57 -6.57 13.34
CA GLN A 39 -0.50 -7.03 14.23
C GLN A 39 -1.00 -7.14 15.66
N ASP A 40 -1.68 -6.09 16.13
CA ASP A 40 -2.17 -6.10 17.52
C ASP A 40 -3.07 -7.31 17.77
N VAL A 41 -4.05 -7.53 16.88
CA VAL A 41 -5.01 -8.60 17.12
C VAL A 41 -4.34 -9.97 17.00
N VAL A 42 -3.46 -10.13 16.01
CA VAL A 42 -2.79 -11.41 15.82
C VAL A 42 -1.99 -11.77 17.07
N ASN A 43 -1.22 -10.81 17.60
CA ASN A 43 -0.41 -11.10 18.78
C ASN A 43 -1.27 -11.33 20.00
N HIS A 44 -2.36 -10.57 20.14
CA HIS A 44 -3.27 -10.81 21.26
C HIS A 44 -3.82 -12.23 21.23
N ASN A 45 -4.26 -12.69 20.06
CA ASN A 45 -4.85 -14.02 19.96
C ASN A 45 -3.80 -15.11 20.09
N ALA A 46 -2.56 -14.83 19.68
CA ALA A 46 -1.47 -15.77 19.93
C ALA A 46 -1.23 -15.94 21.43
N GLN A 47 -1.19 -14.83 22.16
CA GLN A 47 -1.03 -14.91 23.61
C GLN A 47 -2.21 -15.63 24.24
N ALA A 48 -3.43 -15.48 23.68
CA ALA A 48 -4.66 -16.15 24.18
C ALA A 48 -4.63 -17.67 23.93
N LEU A 49 -4.07 -18.13 22.81
CA LEU A 49 -3.92 -19.58 22.53
C LEU A 49 -2.86 -20.13 23.47
N ASN A 50 -1.77 -19.41 23.65
CA ASN A 50 -0.67 -19.83 24.53
C ASN A 50 -1.20 -19.97 25.95
N THR A 51 -1.96 -18.99 26.45
CA THR A 51 -2.56 -19.05 27.78
C THR A 51 -3.46 -20.27 27.89
N LEU A 52 -4.32 -20.50 26.89
CA LEU A 52 -5.19 -21.67 26.91
C LEU A 52 -4.38 -22.95 27.04
N VAL A 53 -3.29 -23.06 26.27
CA VAL A 53 -2.46 -24.26 26.37
C VAL A 53 -1.88 -24.39 27.77
N LYS A 54 -1.38 -23.29 28.33
CA LYS A 54 -0.73 -23.34 29.64
C LYS A 54 -1.71 -23.59 30.77
N GLN A 55 -3.00 -23.34 30.55
CA GLN A 55 -4.00 -23.56 31.58
C GLN A 55 -4.76 -24.88 31.43
N LEU A 56 -4.55 -25.60 30.33
CA LEU A 56 -5.19 -26.89 30.14
C LEU A 56 -4.42 -27.98 30.88
N NH2 A 57 -3.11 -27.99 30.72
HN1 NH2 A 57 -2.67 -27.30 30.13
HN2 NH2 A 57 -2.54 -28.69 31.19
N THR B 2 12.84 33.20 -20.80
CA THR B 2 11.47 32.76 -20.52
C THR B 2 11.32 31.28 -20.81
N GLN B 3 11.77 30.84 -21.99
CA GLN B 3 11.74 29.43 -22.32
C GLN B 3 12.75 28.65 -21.48
N ASN B 4 13.76 29.32 -20.93
CA ASN B 4 14.62 28.68 -19.94
C ASN B 4 13.84 28.33 -18.69
N VAL B 5 12.91 29.21 -18.28
CA VAL B 5 12.05 28.91 -17.15
C VAL B 5 11.15 27.73 -17.46
N LEU B 6 10.62 27.66 -18.67
CA LEU B 6 9.80 26.52 -19.07
C LEU B 6 10.61 25.22 -19.04
N TYR B 7 11.85 25.28 -19.52
CA TYR B 7 12.71 24.10 -19.48
C TYR B 7 13.00 23.66 -18.05
N GLU B 8 13.27 24.63 -17.17
CA GLU B 8 13.52 24.31 -15.78
C GLU B 8 12.28 23.70 -15.12
N ASN B 9 11.09 24.20 -15.48
CA ASN B 9 9.87 23.62 -14.94
C ASN B 9 9.70 22.18 -15.42
N GLN B 10 9.98 21.93 -16.71
CA GLN B 10 9.92 20.56 -17.22
C GLN B 10 10.83 19.64 -16.42
N LYS B 11 12.08 20.07 -16.20
CA LYS B 11 13.02 19.24 -15.46
C LYS B 11 12.56 19.03 -14.02
N LEU B 12 12.02 20.07 -13.39
CA LEU B 12 11.52 19.94 -12.03
C LEU B 12 10.38 18.93 -11.96
N ILE B 13 9.45 19.01 -12.90
CA ILE B 13 8.34 18.06 -12.93
C ILE B 13 8.85 16.64 -13.06
N ALA B 14 9.76 16.42 -14.01
CA ALA B 14 10.30 15.08 -14.24
C ALA B 14 10.99 14.56 -12.98
N ASN B 15 11.82 15.39 -12.35
CA ASN B 15 12.60 14.92 -11.20
C ASN B 15 11.70 14.64 -10.00
N GLN B 16 10.72 15.50 -9.74
CA GLN B 16 9.82 15.27 -8.62
C GLN B 16 8.99 14.00 -8.86
N PHE B 17 8.48 13.82 -10.08
CA PHE B 17 7.74 12.60 -10.38
C PHE B 17 8.61 11.37 -10.18
N ASN B 18 9.85 11.40 -10.66
CA ASN B 18 10.72 10.23 -10.54
C ASN B 18 11.03 9.91 -9.08
N SER B 19 11.30 10.93 -8.27
CA SER B 19 11.58 10.67 -6.86
C SER B 19 10.35 10.12 -6.15
N ALA B 20 9.16 10.67 -6.46
CA ALA B 20 7.95 10.14 -5.86
C ALA B 20 7.73 8.67 -6.23
N ILE B 21 8.00 8.33 -7.49
CA ILE B 21 7.85 6.94 -7.91
C ILE B 21 8.83 6.04 -7.16
N GLY B 22 10.06 6.52 -6.96
CA GLY B 22 11.00 5.75 -6.15
C GLY B 22 10.49 5.50 -4.74
N LYS B 23 9.99 6.55 -4.10
CA LYS B 23 9.42 6.40 -2.76
C LYS B 23 8.29 5.38 -2.75
N ILE B 24 7.42 5.44 -3.76
CA ILE B 24 6.29 4.52 -3.82
C ILE B 24 6.76 3.09 -4.01
N GLN B 25 7.79 2.88 -4.82
CA GLN B 25 8.34 1.53 -4.97
C GLN B 25 8.85 1.00 -3.63
N ASP B 26 9.56 1.85 -2.89
CA ASP B 26 10.02 1.46 -1.56
C ASP B 26 8.85 1.06 -0.66
N SER B 27 7.79 1.86 -0.66
CA SER B 27 6.64 1.57 0.19
C SER B 27 5.97 0.26 -0.23
N LEU B 28 5.92 -0.01 -1.53
CA LEU B 28 5.35 -1.27 -2.00
C LEU B 28 6.15 -2.45 -1.46
N SER B 29 7.48 -2.34 -1.50
CA SER B 29 8.32 -3.41 -0.95
C SER B 29 8.01 -3.63 0.54
N SER B 30 7.92 -2.54 1.30
CA SER B 30 7.65 -2.68 2.73
C SER B 30 6.29 -3.34 2.97
N THR B 31 5.27 -2.94 2.20
CA THR B 31 3.95 -3.53 2.36
C THR B 31 3.96 -5.02 2.05
N ALA B 32 4.64 -5.40 0.96
CA ALA B 32 4.76 -6.82 0.63
C ALA B 32 5.41 -7.60 1.76
N SER B 33 6.48 -7.05 2.35
CA SER B 33 7.15 -7.72 3.46
C SER B 33 6.20 -7.91 4.63
N ALA B 34 5.49 -6.86 5.02
CA ALA B 34 4.59 -6.95 6.16
C ALA B 34 3.50 -7.99 5.91
N LEU B 35 2.94 -8.00 4.69
CA LEU B 35 1.88 -8.96 4.38
C LEU B 35 2.40 -10.39 4.42
N GLY B 36 3.62 -10.62 3.90
CA GLY B 36 4.19 -11.95 3.97
C GLY B 36 4.37 -12.43 5.40
N LYS B 37 4.88 -11.56 6.27
CA LYS B 37 5.06 -11.95 7.66
C LYS B 37 3.72 -12.24 8.33
N LEU B 38 2.71 -11.40 8.06
CA LEU B 38 1.40 -11.64 8.64
C LEU B 38 0.82 -12.98 8.18
N GLN B 39 0.94 -13.28 6.88
CA GLN B 39 0.47 -14.57 6.38
C GLN B 39 1.16 -15.72 7.10
N ASP B 40 2.49 -15.65 7.19
CA ASP B 40 3.25 -16.73 7.82
C ASP B 40 2.77 -16.96 9.25
N VAL B 41 2.67 -15.89 10.03
CA VAL B 41 2.34 -16.05 11.44
C VAL B 41 0.89 -16.51 11.61
N VAL B 42 -0.03 -15.98 10.81
CA VAL B 42 -1.47 -16.33 10.91
C VAL B 42 -1.63 -17.83 10.64
N ASN B 43 -0.86 -18.40 9.71
CA ASN B 43 -1.01 -19.82 9.30
C ASN B 43 -0.28 -20.72 10.29
N HIS B 44 0.74 -20.22 10.96
CA HIS B 44 1.49 -20.98 12.00
C HIS B 44 0.60 -21.08 13.23
N ASN B 45 -0.17 -20.04 13.51
CA ASN B 45 -1.06 -19.98 14.70
C ASN B 45 -2.34 -20.75 14.37
N ALA B 46 -2.78 -20.80 13.13
CA ALA B 46 -3.90 -21.64 12.76
C ALA B 46 -3.55 -23.12 12.88
N GLN B 47 -2.36 -23.51 12.40
CA GLN B 47 -1.92 -24.89 12.56
C GLN B 47 -1.77 -25.26 14.03
N ALA B 48 -1.25 -24.34 14.84
CA ALA B 48 -1.13 -24.61 16.26
C ALA B 48 -2.50 -24.87 16.90
N LEU B 49 -3.49 -24.04 16.55
CA LEU B 49 -4.83 -24.24 17.11
C LEU B 49 -5.43 -25.57 16.67
N ASN B 50 -5.29 -25.91 15.39
CA ASN B 50 -5.82 -27.19 14.91
C ASN B 50 -5.13 -28.37 15.59
N THR B 51 -3.82 -28.26 15.82
CA THR B 51 -3.11 -29.32 16.52
C THR B 51 -3.58 -29.45 17.96
N LEU B 52 -3.80 -28.31 18.64
CA LEU B 52 -4.37 -28.38 19.98
C LEU B 52 -5.73 -29.07 19.95
N VAL B 53 -6.55 -28.77 18.94
CA VAL B 53 -7.86 -29.39 18.84
C VAL B 53 -7.73 -30.90 18.72
N LYS B 54 -6.85 -31.35 17.82
CA LYS B 54 -6.70 -32.80 17.61
C LYS B 54 -6.15 -33.47 18.87
N GLN B 55 -5.23 -32.81 19.57
CA GLN B 55 -4.69 -33.39 20.80
C GLN B 55 -5.80 -33.62 21.83
N LEU B 56 -6.78 -32.72 21.87
CA LEU B 56 -7.86 -32.81 22.85
C LEU B 56 -8.95 -33.76 22.40
N NH2 B 57 -9.26 -33.73 21.11
HN1 NH2 B 57 -8.78 -33.10 20.48
HN2 NH2 B 57 -9.98 -34.35 20.74
C ACE C 1 11.46 23.33 -31.93
O ACE C 1 11.09 22.25 -31.46
CH3 ACE C 1 11.39 23.64 -33.39
H1 ACE C 1 10.67 24.45 -33.55
H2 ACE C 1 12.37 23.95 -33.75
H3 ACE C 1 11.07 22.75 -33.94
N THR C 2 11.97 24.29 -31.17
CA THR C 2 12.12 24.15 -29.72
C THR C 2 10.78 24.00 -29.01
N GLN C 3 9.79 24.80 -29.41
CA GLN C 3 8.48 24.71 -28.77
C GLN C 3 7.85 23.34 -29.00
N ASN C 4 8.13 22.74 -30.16
CA ASN C 4 7.63 21.38 -30.45
C ASN C 4 8.32 20.39 -29.52
N VAL C 5 9.58 20.61 -29.15
CA VAL C 5 10.30 19.71 -28.19
C VAL C 5 9.65 19.86 -26.82
N LEU C 6 9.22 21.06 -26.47
CA LEU C 6 8.53 21.34 -25.20
C LEU C 6 7.18 20.60 -25.19
N TYR C 7 6.40 20.67 -26.28
CA TYR C 7 5.08 20.03 -26.31
C TYR C 7 5.18 18.52 -26.29
N GLU C 8 6.14 17.95 -27.03
CA GLU C 8 6.33 16.51 -27.02
C GLU C 8 6.79 16.03 -25.64
N ASN C 9 7.62 16.82 -24.97
CA ASN C 9 8.00 16.50 -23.60
C ASN C 9 6.79 16.48 -22.69
N GLN C 10 5.88 17.45 -22.87
CA GLN C 10 4.67 17.48 -22.04
C GLN C 10 3.82 16.23 -22.28
N LYS C 11 3.68 15.83 -23.55
CA LYS C 11 2.92 14.63 -23.85
C LYS C 11 3.57 13.39 -23.24
N LEU C 12 4.90 13.30 -23.33
CA LEU C 12 5.62 12.19 -22.71
C LEU C 12 5.37 12.15 -21.21
N ILE C 13 5.47 13.30 -20.55
CA ILE C 13 5.23 13.38 -19.12
C ILE C 13 3.85 12.85 -18.79
N ALA C 14 2.84 13.33 -19.52
CA ALA C 14 1.46 12.93 -19.23
C ALA C 14 1.28 11.42 -19.42
N ASN C 15 1.82 10.87 -20.50
CA ASN C 15 1.65 9.44 -20.76
C ASN C 15 2.31 8.60 -19.67
N GLN C 16 3.55 8.94 -19.32
CA GLN C 16 4.24 8.20 -18.26
C GLN C 16 3.48 8.30 -16.95
N PHE C 17 2.94 9.48 -16.64
CA PHE C 17 2.17 9.66 -15.41
C PHE C 17 0.94 8.75 -15.40
N ASN C 18 0.20 8.73 -16.49
CA ASN C 18 -1.00 7.90 -16.56
C ASN C 18 -0.65 6.42 -16.42
N SER C 19 0.45 5.99 -17.05
CA SER C 19 0.90 4.61 -16.88
C SER C 19 1.16 4.29 -15.42
N ALA C 20 1.93 5.16 -14.75
CA ALA C 20 2.23 4.92 -13.34
C ALA C 20 0.95 4.85 -12.51
N ILE C 21 -0.02 5.70 -12.82
CA ILE C 21 -1.25 5.71 -12.04
C ILE C 21 -2.01 4.39 -12.22
N GLY C 22 -2.04 3.86 -13.44
CA GLY C 22 -2.67 2.56 -13.64
C GLY C 22 -2.01 1.47 -12.81
N LYS C 23 -0.68 1.44 -12.83
CA LYS C 23 0.03 0.44 -12.02
C LYS C 23 -0.27 0.62 -10.53
N ILE C 24 -0.35 1.86 -10.08
CA ILE C 24 -0.61 2.12 -8.67
C ILE C 24 -2.02 1.69 -8.29
N GLN C 25 -2.99 1.88 -9.19
CA GLN C 25 -4.34 1.38 -8.92
C GLN C 25 -4.33 -0.13 -8.75
N ASP C 26 -3.60 -0.84 -9.62
CA ASP C 26 -3.46 -2.28 -9.46
C ASP C 26 -2.94 -2.62 -8.06
N SER C 27 -1.87 -1.96 -7.64
CA SER C 27 -1.28 -2.25 -6.34
C SER C 27 -2.26 -1.98 -5.21
N LEU C 28 -3.04 -0.91 -5.33
CA LEU C 28 -4.01 -0.59 -4.27
C LEU C 28 -5.08 -1.67 -4.17
N SER C 29 -5.59 -2.13 -5.31
CA SER C 29 -6.60 -3.17 -5.28
C SER C 29 -6.05 -4.46 -4.66
N SER C 30 -4.81 -4.82 -5.01
CA SER C 30 -4.22 -6.02 -4.43
C SER C 30 -4.05 -5.88 -2.92
N THR C 31 -3.61 -4.70 -2.46
CA THR C 31 -3.45 -4.48 -1.03
C THR C 31 -4.79 -4.64 -0.31
N ALA C 32 -5.85 -4.03 -0.85
CA ALA C 32 -7.16 -4.15 -0.22
C ALA C 32 -7.61 -5.61 -0.16
N SER C 33 -7.42 -6.35 -1.27
CA SER C 33 -7.82 -7.75 -1.29
C SER C 33 -7.08 -8.54 -0.22
N ALA C 34 -5.77 -8.34 -0.11
CA ALA C 34 -5.00 -9.10 0.87
C ALA C 34 -5.43 -8.76 2.29
N LEU C 35 -5.64 -7.48 2.57
CA LEU C 35 -6.07 -7.08 3.92
C LEU C 35 -7.44 -7.67 4.24
N GLY C 36 -8.33 -7.74 3.25
CA GLY C 36 -9.62 -8.36 3.49
C GLY C 36 -9.52 -9.84 3.80
N LYS C 37 -8.68 -10.56 3.05
CA LYS C 37 -8.51 -11.99 3.33
C LYS C 37 -7.92 -12.20 4.72
N LEU C 38 -6.93 -11.38 5.10
CA LEU C 38 -6.34 -11.50 6.43
C LEU C 38 -7.38 -11.22 7.52
N GLN C 39 -8.19 -10.17 7.33
CA GLN C 39 -9.26 -9.88 8.28
C GLN C 39 -10.18 -11.10 8.44
N ASP C 40 -10.67 -11.63 7.31
CA ASP C 40 -11.57 -12.78 7.37
C ASP C 40 -10.95 -13.93 8.15
N VAL C 41 -9.72 -14.31 7.80
CA VAL C 41 -9.12 -15.50 8.41
C VAL C 41 -8.83 -15.25 9.89
N VAL C 42 -8.32 -14.06 10.24
CA VAL C 42 -8.03 -13.78 11.63
C VAL C 42 -9.29 -13.84 12.47
N ASN C 43 -10.38 -13.26 11.98
CA ASN C 43 -11.63 -13.30 12.75
C ASN C 43 -12.19 -14.71 12.83
N HIS C 44 -12.08 -15.47 11.75
CA HIS C 44 -12.53 -16.88 11.73
C HIS C 44 -11.76 -17.66 12.78
N ASN C 45 -10.44 -17.51 12.86
CA ASN C 45 -9.65 -18.27 13.82
C ASN C 45 -9.86 -17.77 15.25
N ALA C 46 -10.14 -16.48 15.42
CA ALA C 46 -10.50 -15.98 16.75
C ALA C 46 -11.81 -16.59 17.23
N GLN C 47 -12.81 -16.65 16.35
CA GLN C 47 -14.08 -17.27 16.71
C GLN C 47 -13.90 -18.76 16.97
N ALA C 48 -13.01 -19.41 16.23
CA ALA C 48 -12.74 -20.83 16.48
C ALA C 48 -12.10 -21.04 17.85
N LEU C 49 -11.12 -20.19 18.20
CA LEU C 49 -10.50 -20.29 19.51
C LEU C 49 -11.51 -20.05 20.63
N ASN C 50 -12.38 -19.06 20.44
CA ASN C 50 -13.39 -18.77 21.46
C ASN C 50 -14.39 -19.92 21.58
N THR C 51 -14.78 -20.51 20.45
CA THR C 51 -15.67 -21.67 20.50
C THR C 51 -15.00 -22.84 21.20
N LEU C 52 -13.71 -23.06 20.94
CA LEU C 52 -12.98 -24.10 21.66
C LEU C 52 -13.02 -23.84 23.16
N VAL C 53 -12.70 -22.62 23.59
CA VAL C 53 -12.71 -22.30 25.00
C VAL C 53 -14.10 -22.54 25.59
N LYS C 54 -15.15 -22.15 24.87
CA LYS C 54 -16.50 -22.31 25.38
C LYS C 54 -16.92 -23.78 25.46
N GLN C 55 -16.43 -24.61 24.54
CA GLN C 55 -16.83 -26.00 24.51
C GLN C 55 -16.16 -26.81 25.61
N LEU C 56 -14.96 -26.40 26.03
CA LEU C 56 -14.24 -27.09 27.09
C LEU C 56 -14.90 -26.87 28.45
N NH2 C 57 -15.72 -25.83 28.56
HN1 NH2 C 57 -16.18 -25.64 29.44
HN2 NH2 C 57 -15.89 -25.23 27.75
N ILE D 6 2.06 -26.83 19.36
CA ILE D 6 0.93 -26.08 19.90
C ILE D 6 1.40 -24.81 20.58
N ASN D 7 2.41 -24.16 20.01
CA ASN D 7 2.94 -22.89 20.51
C ASN D 7 2.65 -21.80 19.49
N ALA D 8 2.07 -20.69 19.94
CA ALA D 8 1.69 -19.60 19.06
C ALA D 8 2.82 -18.58 18.98
N SER D 9 3.19 -18.22 17.75
CA SER D 9 4.22 -17.22 17.53
C SER D 9 3.60 -15.83 17.43
N VAL D 10 4.46 -14.82 17.55
CA VAL D 10 4.05 -13.42 17.42
C VAL D 10 4.66 -12.86 16.14
N VAL D 11 4.00 -11.86 15.58
CA VAL D 11 4.45 -11.17 14.38
C VAL D 11 4.92 -9.78 14.78
N ASN D 12 5.99 -9.33 14.12
CA ASN D 12 6.55 -8.00 14.36
C ASN D 12 6.77 -7.34 13.01
N ILE D 13 5.94 -6.35 12.69
CA ILE D 13 6.03 -5.64 11.42
C ILE D 13 6.06 -4.14 11.68
N GLN D 14 6.53 -3.75 12.87
CA GLN D 14 6.52 -2.33 13.21
C GLN D 14 7.48 -1.54 12.34
N LYS D 15 8.58 -2.15 11.89
CA LYS D 15 9.48 -1.46 10.99
C LYS D 15 8.79 -1.10 9.68
N GLU D 16 8.04 -2.06 9.11
CA GLU D 16 7.33 -1.78 7.86
C GLU D 16 6.27 -0.70 8.04
N ILE D 17 5.54 -0.75 9.16
CA ILE D 17 4.52 0.26 9.42
C ILE D 17 5.15 1.64 9.54
N ASP D 18 6.20 1.74 10.36
CA ASP D 18 6.90 3.01 10.53
C ASP D 18 7.43 3.51 9.20
N ARG D 19 7.91 2.60 8.34
CA ARG D 19 8.42 3.02 7.05
C ARG D 19 7.30 3.54 6.15
N LEU D 20 6.13 2.90 6.21
CA LEU D 20 4.99 3.40 5.43
C LEU D 20 4.61 4.81 5.86
N ASN D 21 4.54 5.04 7.18
CA ASN D 21 4.20 6.38 7.66
C ASN D 21 5.28 7.39 7.26
N GLU D 22 6.55 6.99 7.37
CA GLU D 22 7.64 7.88 7.00
C GLU D 22 7.57 8.24 5.52
N VAL D 23 7.27 7.27 4.65
CA VAL D 23 7.19 7.56 3.22
C VAL D 23 5.99 8.46 2.93
N ALA D 24 4.86 8.19 3.60
CA ALA D 24 3.72 9.09 3.49
C ALA D 24 4.14 10.53 3.78
N LYS D 25 4.92 10.72 4.84
CA LYS D 25 5.39 12.08 5.15
C LYS D 25 6.37 12.58 4.11
N ASN D 26 7.28 11.71 3.64
CA ASN D 26 8.34 12.14 2.74
C ASN D 26 7.81 12.54 1.37
N LEU D 27 6.65 12.02 0.97
CA LEU D 27 6.12 12.38 -0.34
C LEU D 27 5.78 13.86 -0.45
N ASN D 28 5.58 14.55 0.67
CA ASN D 28 5.35 16.00 0.61
C ASN D 28 6.49 16.70 -0.11
N GLU D 29 7.72 16.22 0.07
CA GLU D 29 8.88 16.80 -0.59
C GLU D 29 8.87 16.59 -2.10
N SER D 30 8.03 15.68 -2.61
CA SER D 30 7.93 15.42 -4.04
C SER D 30 6.81 16.21 -4.71
N LEU D 31 6.04 16.98 -3.95
CA LEU D 31 5.03 17.83 -4.56
C LEU D 31 5.70 18.88 -5.44
N ILE D 32 5.00 19.28 -6.50
CA ILE D 32 5.53 20.21 -7.50
C ILE D 32 5.07 21.61 -7.15
N ASP D 33 6.03 22.52 -6.97
CA ASP D 33 5.77 23.94 -6.73
C ASP D 33 6.50 24.71 -7.83
N LEU D 34 5.79 24.98 -8.93
CA LEU D 34 6.43 25.52 -10.11
C LEU D 34 6.80 26.99 -9.92
N GLN D 35 7.74 27.44 -10.73
CA GLN D 35 8.08 28.86 -10.82
C GLN D 35 7.02 29.57 -11.65
N GLU D 36 6.50 30.68 -11.12
CA GLU D 36 5.58 31.51 -11.89
C GLU D 36 6.34 32.16 -13.04
N LEU D 37 5.79 32.04 -14.24
CA LEU D 37 6.45 32.57 -15.44
C LEU D 37 6.30 34.09 -15.51
N ILE E 6 -14.71 -27.21 15.29
CA ILE E 6 -13.66 -26.22 15.53
C ILE E 6 -12.52 -26.46 14.56
N ASN E 7 -12.39 -25.56 13.58
CA ASN E 7 -11.36 -25.69 12.54
C ASN E 7 -10.79 -24.31 12.26
N ALA E 8 -9.48 -24.18 12.42
CA ALA E 8 -8.78 -22.95 12.07
C ALA E 8 -8.40 -22.97 10.60
N SER E 9 -8.69 -21.88 9.90
CA SER E 9 -8.38 -21.77 8.48
C SER E 9 -7.09 -21.01 8.28
N VAL E 10 -6.46 -21.25 7.13
CA VAL E 10 -5.23 -20.56 6.77
C VAL E 10 -5.55 -19.54 5.69
N VAL E 11 -4.66 -18.56 5.55
CA VAL E 11 -4.80 -17.49 4.58
C VAL E 11 -3.78 -17.70 3.47
N ASN E 12 -4.14 -17.28 2.25
CA ASN E 12 -3.22 -17.34 1.11
C ASN E 12 -3.36 -16.04 0.33
N ILE E 13 -2.38 -15.15 0.50
CA ILE E 13 -2.36 -13.87 -0.20
C ILE E 13 -1.08 -13.76 -1.02
N GLN E 14 -0.55 -14.90 -1.48
CA GLN E 14 0.71 -14.87 -2.21
C GLN E 14 0.57 -14.11 -3.52
N LYS E 15 -0.56 -14.27 -4.22
CA LYS E 15 -0.74 -13.56 -5.47
C LYS E 15 -0.73 -12.05 -5.25
N GLU E 16 -1.34 -11.59 -4.15
CA GLU E 16 -1.35 -10.16 -3.87
C GLU E 16 0.05 -9.63 -3.55
N ILE E 17 0.80 -10.38 -2.74
CA ILE E 17 2.17 -9.99 -2.41
C ILE E 17 3.02 -9.89 -3.66
N ASP E 18 2.94 -10.93 -4.50
CA ASP E 18 3.69 -10.94 -5.75
C ASP E 18 3.24 -9.82 -6.68
N ARG E 19 1.96 -9.45 -6.63
CA ARG E 19 1.50 -8.33 -7.45
C ARG E 19 2.09 -7.02 -6.97
N LEU E 20 2.19 -6.83 -5.65
CA LEU E 20 2.82 -5.63 -5.12
C LEU E 20 4.27 -5.54 -5.60
N ASN E 21 5.00 -6.65 -5.50
CA ASN E 21 6.39 -6.64 -5.98
C ASN E 21 6.44 -6.41 -7.50
N GLU E 22 5.49 -6.99 -8.23
CA GLU E 22 5.45 -6.80 -9.67
C GLU E 22 5.26 -5.33 -10.03
N VAL E 23 4.37 -4.64 -9.31
CA VAL E 23 4.14 -3.23 -9.59
C VAL E 23 5.36 -2.41 -9.20
N ALA E 24 5.99 -2.75 -8.06
CA ALA E 24 7.22 -2.06 -7.67
C ALA E 24 8.24 -2.13 -8.79
N LYS E 25 8.36 -3.29 -9.45
CA LYS E 25 9.30 -3.40 -10.56
C LYS E 25 8.80 -2.68 -11.81
N ASN E 26 7.52 -2.87 -12.17
CA ASN E 26 6.99 -2.29 -13.40
C ASN E 26 7.07 -0.78 -13.41
N LEU E 27 7.01 -0.15 -12.23
CA LEU E 27 7.01 1.32 -12.20
C LEU E 27 8.29 1.91 -12.78
N ASN E 28 9.35 1.12 -12.94
CA ASN E 28 10.57 1.63 -13.56
C ASN E 28 10.33 2.04 -15.02
N GLU E 29 9.39 1.35 -15.70
CA GLU E 29 9.12 1.68 -17.09
C GLU E 29 8.26 2.93 -17.24
N SER E 30 7.75 3.48 -16.13
CA SER E 30 6.97 4.71 -16.15
C SER E 30 7.78 5.94 -15.77
N LEU E 31 9.07 5.79 -15.47
CA LEU E 31 9.90 6.94 -15.18
C LEU E 31 10.07 7.80 -16.44
N ILE E 32 10.47 9.05 -16.23
CA ILE E 32 10.48 10.06 -17.28
C ILE E 32 11.91 10.30 -17.73
N ASP E 33 12.15 10.17 -19.04
CA ASP E 33 13.40 10.55 -19.70
C ASP E 33 13.05 11.56 -20.77
N LEU E 34 13.30 12.84 -20.50
CA LEU E 34 12.89 13.92 -21.39
C LEU E 34 13.93 14.15 -22.47
N GLN E 35 13.45 14.57 -23.67
CA GLN E 35 14.33 14.88 -24.82
C GLN E 35 15.12 16.16 -24.54
N GLU E 36 16.43 16.12 -24.77
CA GLU E 36 17.34 17.28 -24.54
C GLU E 36 17.24 18.27 -25.70
N ILE F 6 -9.20 -15.41 28.91
CA ILE F 6 -8.50 -15.85 27.72
C ILE F 6 -9.40 -15.70 26.50
N ASN F 7 -9.82 -14.47 26.23
CA ASN F 7 -10.72 -14.20 25.12
C ASN F 7 -9.95 -13.79 23.88
N ALA F 8 -10.39 -14.29 22.73
CA ALA F 8 -9.85 -13.90 21.44
C ALA F 8 -10.59 -12.68 20.92
N SER F 9 -9.85 -11.74 20.33
CA SER F 9 -10.42 -10.52 19.80
C SER F 9 -10.51 -10.59 18.28
N VAL F 10 -11.52 -9.92 17.73
CA VAL F 10 -11.68 -9.80 16.29
C VAL F 10 -11.06 -8.47 15.86
N VAL F 11 -10.70 -8.39 14.59
CA VAL F 11 -10.12 -7.19 14.01
C VAL F 11 -11.11 -6.60 13.01
N ASN F 12 -11.14 -5.27 12.93
CA ASN F 12 -12.05 -4.55 12.05
C ASN F 12 -11.25 -3.47 11.34
N ILE F 13 -10.83 -3.76 10.10
CA ILE F 13 -10.08 -2.79 9.31
C ILE F 13 -10.87 -2.46 8.05
N GLN F 14 -12.20 -2.54 8.12
CA GLN F 14 -13.01 -2.32 6.95
C GLN F 14 -12.91 -0.87 6.47
N LYS F 15 -12.72 0.07 7.39
CA LYS F 15 -12.51 1.46 7.00
C LYS F 15 -11.33 1.59 6.05
N GLU F 16 -10.20 1.01 6.44
CA GLU F 16 -8.94 1.07 5.65
C GLU F 16 -9.15 0.37 4.31
N ILE F 17 -9.80 -0.79 4.26
CA ILE F 17 -10.03 -1.52 3.01
C ILE F 17 -10.90 -0.70 2.07
N ASP F 18 -11.99 -0.16 2.60
CA ASP F 18 -12.88 0.66 1.79
C ASP F 18 -12.15 1.89 1.25
N ARG F 19 -11.29 2.52 2.06
CA ARG F 19 -10.58 3.69 1.58
C ARG F 19 -9.57 3.32 0.49
N LEU F 20 -8.90 2.19 0.63
CA LEU F 20 -7.98 1.74 -0.41
C LEU F 20 -8.71 1.50 -1.72
N ASN F 21 -9.85 0.81 -1.66
CA ASN F 21 -10.64 0.59 -2.88
C ASN F 21 -11.14 1.91 -3.46
N GLU F 22 -11.56 2.84 -2.60
CA GLU F 22 -12.04 4.12 -3.08
C GLU F 22 -10.93 4.91 -3.77
N VAL F 23 -9.69 4.81 -3.26
CA VAL F 23 -8.60 5.51 -3.93
C VAL F 23 -8.24 4.81 -5.24
N ALA F 24 -8.27 3.47 -5.25
CA ALA F 24 -8.04 2.74 -6.49
C ALA F 24 -9.03 3.14 -7.56
N LYS F 25 -10.24 3.55 -7.16
CA LYS F 25 -11.21 4.06 -8.12
C LYS F 25 -10.99 5.54 -8.43
N ASN F 26 -10.68 6.35 -7.41
CA ASN F 26 -10.62 7.79 -7.57
C ASN F 26 -9.38 8.25 -8.34
N LEU F 27 -8.33 7.43 -8.39
CA LEU F 27 -7.14 7.85 -9.12
C LEU F 27 -7.43 8.08 -10.60
N ASN F 28 -8.53 7.51 -11.12
CA ASN F 28 -8.95 7.84 -12.48
C ASN F 28 -9.11 9.35 -12.65
N GLU F 29 -9.51 10.06 -11.59
CA GLU F 29 -9.73 11.50 -11.69
C GLU F 29 -8.42 12.27 -11.80
N SER F 30 -7.31 11.67 -11.36
CA SER F 30 -6.00 12.33 -11.43
C SER F 30 -5.32 12.14 -12.77
N LEU F 31 -5.87 11.32 -13.66
CA LEU F 31 -5.26 11.11 -14.97
C LEU F 31 -5.28 12.41 -15.77
N ILE F 32 -4.18 12.66 -16.49
CA ILE F 32 -4.04 13.88 -17.27
C ILE F 32 -4.63 13.65 -18.66
N ASP F 33 -5.48 14.55 -19.10
CA ASP F 33 -6.16 14.45 -20.39
C ASP F 33 -5.39 15.22 -21.45
#